data_6HS3
#
_entry.id   6HS3
#
_cell.length_a   52.787
_cell.length_b   74.228
_cell.length_c   124.378
_cell.angle_alpha   90.00
_cell.angle_beta   90.00
_cell.angle_gamma   90.00
#
_symmetry.space_group_name_H-M   'P 21 21 21'
#
loop_
_entity.id
_entity.type
_entity.pdbx_description
1 polymer 'ABC transporter family protein'
2 non-polymer 'CHLORIDE ION'
3 water water
#
_entity_poly.entity_id   1
_entity_poly.type   'polypeptide(L)'
_entity_poly.pdbx_seq_one_letter_code
;GHMNALPNRQPAGTTSSLVVRNLKKRYGSRTVVKDVSLDVKSGEVVGLLGPNGAGKTTSFYMIVGLVPLDAGDISLNGSP
ISLMPIHKRASLGLSYLPQEASVFRKLTVEQNVRAVLELQHDENGKRLSKDAIGARTEALLEELQIAHLRENPALSLSGG
ERRRVEIARALASNPSFILLDEPFAGVDPIAVLEIQKIVKFLKQRNIGVLITDHNVRETLGICDHAYIISDGSVLASGAP
KEIIENESVRRVYLGEHFRM
;
_entity_poly.pdbx_strand_id   A,B
#
loop_
_chem_comp.id
_chem_comp.type
_chem_comp.name
_chem_comp.formula
CL non-polymer 'CHLORIDE ION' 'Cl -1'
#
# COMPACT_ATOMS: atom_id res chain seq x y z
N THR A 15 -1.96 33.75 6.19
CA THR A 15 -0.63 34.43 5.92
C THR A 15 0.51 33.41 5.78
N SER A 16 0.41 32.33 6.56
CA SER A 16 1.43 31.25 6.68
C SER A 16 1.87 30.68 5.32
N SER A 17 3.18 30.47 5.19
CA SER A 17 3.77 29.87 3.99
C SER A 17 4.83 28.83 4.37
N LEU A 18 4.83 27.71 3.65
CA LEU A 18 5.90 26.74 3.69
C LEU A 18 6.56 26.78 2.30
N VAL A 19 7.84 27.16 2.25
CA VAL A 19 8.55 27.36 1.00
C VAL A 19 9.77 26.43 0.95
N VAL A 20 9.82 25.58 -0.07
CA VAL A 20 10.88 24.59 -0.19
C VAL A 20 11.61 24.86 -1.49
N ARG A 21 12.93 25.09 -1.44
CA ARG A 21 13.66 25.44 -2.68
C ARG A 21 14.88 24.51 -2.88
N ASN A 22 14.90 23.83 -4.02
CA ASN A 22 16.07 23.13 -4.55
C ASN A 22 16.61 22.08 -3.57
N LEU A 23 15.73 21.24 -3.04
CA LEU A 23 16.14 20.13 -2.19
C LEU A 23 17.03 19.20 -2.99
N LYS A 24 18.06 18.69 -2.33
CA LYS A 24 18.98 17.80 -2.95
C LYS A 24 19.41 16.80 -1.89
N LYS A 25 19.57 15.55 -2.33
CA LYS A 25 19.99 14.50 -1.49
C LYS A 25 20.70 13.44 -2.33
N ARG A 26 21.96 13.21 -2.00
CA ARG A 26 22.73 12.12 -2.62
C ARG A 26 23.35 11.24 -1.53
N TYR A 27 23.36 9.93 -1.81
CA TYR A 27 23.99 8.93 -1.01
C TYR A 27 24.98 8.21 -1.93
N GLY A 28 26.24 8.66 -1.86
CA GLY A 28 27.35 8.13 -2.65
C GLY A 28 27.19 8.48 -4.12
N SER A 29 27.17 7.45 -4.96
CA SER A 29 27.00 7.58 -6.38
C SER A 29 25.53 7.80 -6.76
N ARG A 30 24.58 7.68 -5.82
CA ARG A 30 23.15 7.87 -6.12
C ARG A 30 22.70 9.28 -5.71
N THR A 31 22.11 10.01 -6.67
CA THR A 31 21.32 11.20 -6.41
C THR A 31 19.84 10.74 -6.35
N VAL A 32 19.27 10.72 -5.14
N VAL A 32 19.27 10.72 -5.14
CA VAL A 32 17.87 10.32 -5.01
CA VAL A 32 17.88 10.33 -4.94
C VAL A 32 16.96 11.53 -5.23
C VAL A 32 16.97 11.53 -5.24
N VAL A 33 17.42 12.72 -4.81
CA VAL A 33 16.74 14.01 -5.11
C VAL A 33 17.79 14.96 -5.71
N LYS A 34 17.50 15.49 -6.89
CA LYS A 34 18.37 16.43 -7.60
C LYS A 34 17.94 17.85 -7.25
N ASP A 35 16.65 18.16 -7.49
CA ASP A 35 16.15 19.52 -7.36
C ASP A 35 14.62 19.49 -7.23
N VAL A 36 14.14 19.66 -6.00
CA VAL A 36 12.72 19.72 -5.71
C VAL A 36 12.39 21.03 -4.97
N SER A 37 11.49 21.81 -5.56
CA SER A 37 10.97 23.03 -4.98
C SER A 37 9.46 22.88 -4.92
N LEU A 38 8.85 23.37 -3.84
CA LEU A 38 7.39 23.45 -3.79
C LEU A 38 6.98 24.50 -2.76
N ASP A 39 5.70 24.86 -2.79
CA ASP A 39 5.13 25.83 -1.86
C ASP A 39 3.83 25.24 -1.29
N VAL A 40 3.56 25.55 -0.02
CA VAL A 40 2.28 25.27 0.57
C VAL A 40 1.85 26.54 1.33
N LYS A 41 0.61 26.97 1.12
CA LYS A 41 0.02 28.09 1.87
C LYS A 41 -1.07 27.56 2.82
N SER A 42 -1.35 28.36 3.85
CA SER A 42 -2.46 28.10 4.77
C SER A 42 -3.72 27.75 3.96
N GLY A 43 -4.41 26.69 4.37
CA GLY A 43 -5.70 26.34 3.81
C GLY A 43 -5.57 25.58 2.50
N GLU A 44 -4.36 25.30 2.08
CA GLU A 44 -4.15 24.65 0.80
C GLU A 44 -3.76 23.21 1.07
N VAL A 45 -4.29 22.28 0.28
CA VAL A 45 -3.89 20.89 0.34
C VAL A 45 -3.01 20.58 -0.86
N VAL A 46 -1.79 20.15 -0.58
CA VAL A 46 -0.79 19.93 -1.62
C VAL A 46 -0.37 18.45 -1.63
N GLY A 47 -0.40 17.87 -2.83
CA GLY A 47 0.01 16.48 -3.03
C GLY A 47 1.46 16.38 -3.50
N LEU A 48 2.20 15.43 -2.95
CA LEU A 48 3.55 15.14 -3.36
C LEU A 48 3.53 13.69 -3.88
N LEU A 49 3.44 13.57 -5.21
CA LEU A 49 3.22 12.28 -5.86
C LEU A 49 4.36 11.99 -6.84
N GLY A 50 4.30 10.80 -7.44
CA GLY A 50 5.23 10.41 -8.44
C GLY A 50 5.59 8.95 -8.27
N PRO A 51 6.37 8.39 -9.23
CA PRO A 51 6.79 7.00 -9.21
C PRO A 51 7.47 6.59 -7.91
N ASN A 52 7.18 5.39 -7.46
CA ASN A 52 7.81 4.80 -6.32
C ASN A 52 9.34 4.88 -6.47
N GLY A 53 10.00 5.44 -5.45
CA GLY A 53 11.46 5.45 -5.35
C GLY A 53 12.12 6.62 -6.06
N ALA A 54 11.34 7.42 -6.81
CA ALA A 54 11.91 8.39 -7.72
C ALA A 54 11.99 9.79 -7.09
N GLY A 55 11.80 9.92 -5.77
CA GLY A 55 12.23 11.10 -5.03
C GLY A 55 11.20 11.75 -4.13
N LYS A 56 9.91 11.40 -4.27
CA LYS A 56 8.89 12.13 -3.53
C LYS A 56 9.01 11.84 -2.02
N THR A 57 9.47 10.65 -1.66
CA THR A 57 9.46 10.19 -0.30
C THR A 57 10.60 10.87 0.45
N THR A 58 11.79 10.85 -0.14
CA THR A 58 12.95 11.49 0.47
C THR A 58 12.68 13.00 0.58
N SER A 59 12.09 13.60 -0.46
CA SER A 59 11.72 15.02 -0.44
C SER A 59 10.83 15.31 0.77
N PHE A 60 9.80 14.48 0.91
CA PHE A 60 8.86 14.59 2.01
C PHE A 60 9.57 14.52 3.37
N TYR A 61 10.43 13.51 3.56
CA TYR A 61 11.11 13.34 4.85
C TYR A 61 12.13 14.45 5.09
N MET A 62 12.59 15.12 4.04
CA MET A 62 13.53 16.23 4.19
C MET A 62 12.77 17.44 4.79
N ILE A 63 11.50 17.55 4.41
CA ILE A 63 10.65 18.62 4.87
C ILE A 63 10.18 18.35 6.32
N VAL A 64 9.87 17.09 6.63
CA VAL A 64 9.53 16.70 7.99
C VAL A 64 10.74 16.94 8.89
N GLY A 65 11.94 16.62 8.40
CA GLY A 65 13.17 16.75 9.19
C GLY A 65 13.75 15.40 9.64
N LEU A 66 13.28 14.28 9.06
CA LEU A 66 13.86 12.97 9.35
C LEU A 66 15.14 12.73 8.55
N VAL A 67 15.34 13.50 7.48
CA VAL A 67 16.47 13.38 6.61
C VAL A 67 17.09 14.78 6.50
N PRO A 68 18.39 14.96 6.81
CA PRO A 68 19.06 16.24 6.59
C PRO A 68 19.27 16.53 5.09
N LEU A 69 19.14 17.80 4.73
CA LEU A 69 19.41 18.32 3.39
C LEU A 69 20.89 18.15 3.05
N ASP A 70 21.20 17.86 1.79
CA ASP A 70 22.58 18.08 1.25
C ASP A 70 22.71 19.49 0.68
N ALA A 71 21.64 19.94 0.03
CA ALA A 71 21.47 21.28 -0.44
C ALA A 71 19.98 21.64 -0.40
N GLY A 72 19.71 22.94 -0.51
CA GLY A 72 18.39 23.52 -0.59
C GLY A 72 18.02 24.26 0.67
N ASP A 73 16.77 24.69 0.75
CA ASP A 73 16.32 25.47 1.86
C ASP A 73 14.83 25.23 2.06
N ILE A 74 14.39 25.26 3.32
CA ILE A 74 12.99 25.20 3.70
C ILE A 74 12.73 26.36 4.66
N SER A 75 11.73 27.18 4.36
CA SER A 75 11.37 28.21 5.30
C SER A 75 9.88 28.15 5.60
N LEU A 76 9.56 28.42 6.87
CA LEU A 76 8.25 28.35 7.44
C LEU A 76 7.92 29.73 7.98
N ASN A 77 6.93 30.39 7.36
CA ASN A 77 6.44 31.73 7.74
C ASN A 77 7.62 32.70 7.85
N GLY A 78 8.50 32.71 6.83
CA GLY A 78 9.60 33.66 6.75
C GLY A 78 10.93 33.10 7.25
N SER A 79 10.93 32.13 8.17
CA SER A 79 12.17 31.76 8.88
C SER A 79 12.69 30.39 8.43
N PRO A 80 14.02 30.22 8.22
CA PRO A 80 14.58 28.95 7.75
C PRO A 80 14.52 27.87 8.84
N ILE A 81 14.23 26.63 8.44
CA ILE A 81 14.08 25.52 9.39
C ILE A 81 14.87 24.29 8.90
N SER A 82 15.63 24.44 7.82
CA SER A 82 16.38 23.35 7.17
C SER A 82 17.19 22.56 8.20
N LEU A 83 17.72 23.26 9.22
CA LEU A 83 18.69 22.67 10.15
C LEU A 83 18.06 22.38 11.52
N MET A 84 16.78 22.73 11.72
CA MET A 84 16.08 22.43 12.96
C MET A 84 15.65 20.96 13.00
N PRO A 85 15.76 20.29 14.17
CA PRO A 85 15.23 18.94 14.36
C PRO A 85 13.70 18.93 14.45
N ILE A 86 13.11 17.72 14.37
CA ILE A 86 11.66 17.57 14.21
C ILE A 86 10.92 18.34 15.30
N HIS A 87 11.35 18.22 16.56
CA HIS A 87 10.61 18.78 17.69
C HIS A 87 10.55 20.31 17.58
N LYS A 88 11.60 20.95 17.03
CA LYS A 88 11.59 22.41 16.96
C LYS A 88 10.71 22.88 15.80
N ARG A 89 10.70 22.14 14.67
CA ARG A 89 9.81 22.46 13.54
C ARG A 89 8.36 22.46 14.06
N ALA A 90 8.04 21.52 14.94
CA ALA A 90 6.67 21.39 15.49
C ALA A 90 6.29 22.60 16.35
N SER A 91 7.22 23.07 17.20
CA SER A 91 6.96 24.22 18.08
CA SER A 91 6.92 24.21 18.08
C SER A 91 6.63 25.45 17.23
N LEU A 92 7.21 25.52 16.00
CA LEU A 92 6.99 26.62 15.05
C LEU A 92 5.74 26.40 14.17
N GLY A 93 5.02 25.28 14.37
CA GLY A 93 3.72 25.06 13.75
C GLY A 93 3.75 24.10 12.56
N LEU A 94 4.85 23.32 12.41
CA LEU A 94 4.93 22.28 11.38
C LEU A 94 4.81 20.90 12.05
N SER A 95 3.66 20.26 11.87
CA SER A 95 3.29 19.03 12.58
CA SER A 95 3.31 19.03 12.58
C SER A 95 3.33 17.82 11.63
N TYR A 96 3.98 16.73 12.07
CA TYR A 96 4.08 15.51 11.29
C TYR A 96 3.12 14.47 11.85
N LEU A 97 2.24 13.96 10.99
CA LEU A 97 1.34 12.86 11.29
C LEU A 97 1.74 11.65 10.44
N PRO A 98 2.53 10.69 10.99
CA PRO A 98 2.70 9.38 10.37
C PRO A 98 1.43 8.52 10.53
N GLN A 99 1.38 7.44 9.76
CA GLN A 99 0.30 6.45 9.85
C GLN A 99 0.54 5.58 11.09
N GLU A 100 -0.39 5.64 12.05
CA GLU A 100 -0.47 4.65 13.14
C GLU A 100 0.79 4.64 14.03
N ALA A 101 1.30 5.80 14.44
CA ALA A 101 2.57 5.77 15.18
C ALA A 101 2.79 6.99 16.06
N SER A 102 1.73 7.73 16.43
CA SER A 102 1.94 9.06 17.07
C SER A 102 1.30 9.17 18.46
N VAL A 103 0.28 8.36 18.74
CA VAL A 103 -0.47 8.41 20.00
C VAL A 103 0.29 7.59 21.07
N PHE A 104 0.11 7.95 22.34
CA PHE A 104 0.56 7.15 23.50
C PHE A 104 -0.43 5.98 23.70
N ARG A 105 0.08 4.76 23.51
CA ARG A 105 -0.77 3.55 23.34
C ARG A 105 -1.65 3.38 24.58
N LYS A 106 -1.05 3.62 25.76
CA LYS A 106 -1.56 3.13 27.05
C LYS A 106 -2.51 4.16 27.68
N LEU A 107 -2.33 5.45 27.34
CA LEU A 107 -3.10 6.53 27.92
C LEU A 107 -4.47 6.62 27.23
N THR A 108 -5.44 7.20 27.96
CA THR A 108 -6.81 7.45 27.48
C THR A 108 -6.81 8.57 26.43
N VAL A 109 -7.95 8.79 25.79
CA VAL A 109 -8.08 9.80 24.76
C VAL A 109 -7.86 11.19 25.37
N GLU A 110 -8.51 11.44 26.50
CA GLU A 110 -8.41 12.73 27.16
C GLU A 110 -6.96 12.96 27.57
N GLN A 111 -6.31 11.91 28.06
CA GLN A 111 -4.93 12.01 28.54
C GLN A 111 -4.00 12.38 27.37
N ASN A 112 -4.24 11.79 26.19
CA ASN A 112 -3.45 12.02 24.98
C ASN A 112 -3.55 13.49 24.53
N VAL A 113 -4.77 14.04 24.54
CA VAL A 113 -4.96 15.41 24.11
C VAL A 113 -4.33 16.36 25.14
N ARG A 114 -4.59 16.10 26.43
CA ARG A 114 -4.05 16.87 27.55
C ARG A 114 -2.53 16.93 27.49
N ALA A 115 -1.87 15.81 27.15
CA ALA A 115 -0.40 15.71 27.22
C ALA A 115 0.25 16.66 26.21
N VAL A 116 -0.39 16.88 25.06
CA VAL A 116 0.15 17.79 24.04
C VAL A 116 -0.11 19.26 24.44
N LEU A 117 -1.26 19.53 25.08
CA LEU A 117 -1.58 20.89 25.60
C LEU A 117 -0.63 21.29 26.76
N GLU A 118 -0.07 20.29 27.46
CA GLU A 118 0.85 20.53 28.58
C GLU A 118 2.21 21.04 28.07
N LEU A 119 2.43 21.03 26.74
CA LEU A 119 3.69 21.58 26.13
C LEU A 119 3.47 22.99 25.55
N GLN A 120 2.21 23.44 25.47
CA GLN A 120 1.91 24.72 24.83
C GLN A 120 2.22 25.86 25.80
N HIS A 121 2.30 27.07 25.24
CA HIS A 121 2.47 28.34 25.96
C HIS A 121 1.39 29.31 25.49
N ASP A 122 1.13 30.36 26.30
CA ASP A 122 0.34 31.53 25.85
C ASP A 122 1.22 32.38 24.92
N GLU A 123 0.69 33.53 24.45
CA GLU A 123 1.37 34.43 23.51
C GLU A 123 2.56 35.16 24.18
N ASN A 124 2.54 35.25 25.51
CA ASN A 124 3.58 35.93 26.30
C ASN A 124 4.75 34.98 26.60
N GLY A 125 4.62 33.71 26.17
CA GLY A 125 5.66 32.68 26.31
C GLY A 125 5.59 31.96 27.65
N LYS A 126 4.44 32.07 28.31
CA LYS A 126 4.20 31.51 29.66
C LYS A 126 3.36 30.21 29.50
N ARG A 127 3.62 29.22 30.37
CA ARG A 127 2.87 27.94 30.36
C ARG A 127 1.39 28.19 30.63
N LEU A 128 0.55 27.33 30.06
CA LEU A 128 -0.90 27.40 30.19
C LEU A 128 -1.33 26.96 31.59
N SER A 129 -2.35 27.65 32.11
CA SER A 129 -2.98 27.32 33.37
C SER A 129 -3.76 26.00 33.21
N LYS A 130 -3.98 25.33 34.35
CA LYS A 130 -4.75 24.10 34.42
C LYS A 130 -6.17 24.35 33.84
N ASP A 131 -6.66 25.59 33.94
CA ASP A 131 -8.00 25.93 33.48
C ASP A 131 -8.06 26.09 31.96
N ALA A 132 -7.01 26.69 31.36
CA ALA A 132 -6.95 26.91 29.90
C ALA A 132 -6.73 25.58 29.16
N ILE A 133 -5.98 24.67 29.79
CA ILE A 133 -5.74 23.31 29.29
C ILE A 133 -7.06 22.54 29.31
N GLY A 134 -7.79 22.64 30.44
CA GLY A 134 -9.09 22.04 30.62
C GLY A 134 -10.06 22.46 29.53
N ALA A 135 -10.16 23.78 29.31
CA ALA A 135 -11.10 24.34 28.32
C ALA A 135 -10.70 23.95 26.89
N ARG A 136 -9.40 24.00 26.60
CA ARG A 136 -8.90 23.63 25.28
C ARG A 136 -9.14 22.15 25.01
N THR A 137 -8.96 21.30 26.03
CA THR A 137 -9.20 19.88 25.91
C THR A 137 -10.64 19.64 25.47
N GLU A 138 -11.60 20.24 26.18
CA GLU A 138 -13.02 20.03 25.93
C GLU A 138 -13.39 20.50 24.54
N ALA A 139 -12.85 21.66 24.14
CA ALA A 139 -13.14 22.22 22.82
C ALA A 139 -12.63 21.30 21.69
N LEU A 140 -11.47 20.64 21.87
CA LEU A 140 -10.91 19.74 20.84
C LEU A 140 -11.68 18.42 20.79
N LEU A 141 -11.97 17.85 21.96
CA LEU A 141 -12.80 16.65 22.02
C LEU A 141 -14.13 16.88 21.28
N GLU A 142 -14.80 18.00 21.53
CA GLU A 142 -16.13 18.23 20.95
C GLU A 142 -15.99 18.54 19.45
N GLU A 143 -14.92 19.22 19.06
CA GLU A 143 -14.69 19.59 17.68
C GLU A 143 -14.45 18.35 16.81
N LEU A 144 -13.73 17.35 17.35
CA LEU A 144 -13.42 16.11 16.60
C LEU A 144 -14.49 15.05 16.86
N GLN A 145 -15.51 15.36 17.68
CA GLN A 145 -16.62 14.45 17.99
C GLN A 145 -16.11 13.18 18.67
N ILE A 146 -15.19 13.31 19.64
CA ILE A 146 -14.63 12.17 20.34
C ILE A 146 -14.84 12.32 21.85
N ALA A 147 -15.71 13.23 22.28
CA ALA A 147 -15.91 13.48 23.73
C ALA A 147 -16.40 12.20 24.41
N HIS A 148 -17.20 11.40 23.70
CA HIS A 148 -17.74 10.11 24.18
C HIS A 148 -16.65 9.05 24.36
N LEU A 149 -15.49 9.25 23.72
CA LEU A 149 -14.34 8.31 23.81
C LEU A 149 -13.35 8.73 24.92
N ARG A 150 -13.69 9.73 25.73
CA ARG A 150 -12.65 10.41 26.52
C ARG A 150 -11.89 9.45 27.45
N GLU A 151 -12.54 8.42 27.98
CA GLU A 151 -11.91 7.51 28.97
C GLU A 151 -11.47 6.18 28.34
N ASN A 152 -11.62 6.01 27.03
CA ASN A 152 -11.19 4.80 26.35
C ASN A 152 -9.67 4.79 26.24
N PRO A 153 -8.99 3.68 26.61
CA PRO A 153 -7.56 3.54 26.30
C PRO A 153 -7.33 3.64 24.79
N ALA A 154 -6.17 4.16 24.37
CA ALA A 154 -5.91 4.34 22.92
C ALA A 154 -5.83 2.99 22.18
N LEU A 155 -5.59 1.88 22.88
CA LEU A 155 -5.46 0.54 22.26
C LEU A 155 -6.83 -0.03 21.86
N SER A 156 -7.89 0.37 22.56
CA SER A 156 -9.27 -0.12 22.37
C SER A 156 -10.01 0.61 21.23
N LEU A 157 -9.37 1.60 20.58
CA LEU A 157 -10.04 2.45 19.56
C LEU A 157 -9.93 1.82 18.17
N SER A 158 -10.99 1.97 17.37
CA SER A 158 -10.96 1.62 15.93
C SER A 158 -10.08 2.63 15.17
N GLY A 159 -9.77 2.28 13.92
CA GLY A 159 -8.93 3.07 13.05
C GLY A 159 -9.47 4.48 12.85
N GLY A 160 -10.79 4.58 12.66
CA GLY A 160 -11.49 5.88 12.52
C GLY A 160 -11.27 6.77 13.75
N GLU A 161 -11.53 6.17 14.93
CA GLU A 161 -11.41 6.87 16.21
C GLU A 161 -9.95 7.26 16.44
N ARG A 162 -9.03 6.33 16.17
CA ARG A 162 -7.59 6.56 16.37
C ARG A 162 -7.15 7.78 15.53
N ARG A 163 -7.65 7.89 14.29
CA ARG A 163 -7.24 8.98 13.38
C ARG A 163 -7.73 10.33 13.91
N ARG A 164 -8.97 10.35 14.40
CA ARG A 164 -9.54 11.55 14.98
C ARG A 164 -8.74 12.00 16.20
N VAL A 165 -8.23 11.04 16.97
CA VAL A 165 -7.46 11.38 18.13
C VAL A 165 -6.10 11.96 17.72
N GLU A 166 -5.44 11.36 16.73
CA GLU A 166 -4.15 11.89 16.21
C GLU A 166 -4.35 13.33 15.74
N ILE A 167 -5.49 13.58 15.07
CA ILE A 167 -5.83 14.92 14.60
C ILE A 167 -5.97 15.87 15.82
N ALA A 168 -6.78 15.47 16.81
CA ALA A 168 -6.90 16.27 18.02
C ALA A 168 -5.50 16.57 18.58
N ARG A 169 -4.65 15.55 18.68
CA ARG A 169 -3.29 15.75 19.21
C ARG A 169 -2.54 16.79 18.37
N ALA A 170 -2.64 16.71 17.05
CA ALA A 170 -1.98 17.64 16.15
C ALA A 170 -2.57 19.05 16.30
N LEU A 171 -3.89 19.16 16.37
CA LEU A 171 -4.57 20.47 16.48
C LEU A 171 -4.22 21.16 17.80
N ALA A 172 -3.92 20.37 18.84
CA ALA A 172 -3.53 20.89 20.14
C ALA A 172 -2.17 21.61 20.08
N SER A 173 -1.48 21.60 18.93
CA SER A 173 -0.23 22.38 18.70
C SER A 173 -0.50 23.77 18.10
N ASN A 174 -1.72 23.99 17.61
CA ASN A 174 -2.01 25.14 16.75
C ASN A 174 -1.04 25.16 15.57
N PRO A 175 -1.03 24.09 14.73
CA PRO A 175 -0.14 24.04 13.59
C PRO A 175 -0.64 24.93 12.45
N SER A 176 0.29 25.48 11.67
CA SER A 176 -0.08 26.07 10.40
C SER A 176 -0.05 25.01 9.28
N PHE A 177 0.73 23.93 9.48
CA PHE A 177 0.90 22.89 8.46
C PHE A 177 0.93 21.51 9.08
N ILE A 178 0.20 20.60 8.44
CA ILE A 178 0.24 19.20 8.76
C ILE A 178 0.77 18.40 7.57
N LEU A 179 1.75 17.54 7.86
CA LEU A 179 2.36 16.64 6.90
C LEU A 179 1.83 15.24 7.16
N LEU A 180 1.01 14.75 6.21
CA LEU A 180 0.38 13.46 6.28
C LEU A 180 1.18 12.48 5.43
N ASP A 181 1.80 11.49 6.10
CA ASP A 181 2.59 10.43 5.51
C ASP A 181 1.70 9.24 5.17
N GLU A 182 1.48 9.01 3.87
CA GLU A 182 0.83 7.81 3.34
C GLU A 182 -0.46 7.51 4.11
N PRO A 183 -1.42 8.46 4.26
CA PRO A 183 -2.62 8.20 5.05
C PRO A 183 -3.54 7.13 4.45
N PHE A 184 -3.46 6.91 3.14
CA PHE A 184 -4.37 6.00 2.45
C PHE A 184 -3.76 4.61 2.32
N ALA A 185 -2.48 4.41 2.69
CA ALA A 185 -1.80 3.12 2.45
C ALA A 185 -2.51 2.01 3.21
N GLY A 186 -3.12 1.08 2.46
CA GLY A 186 -3.68 -0.15 3.00
C GLY A 186 -5.04 -0.01 3.64
N VAL A 187 -5.66 1.17 3.58
CA VAL A 187 -6.94 1.43 4.24
C VAL A 187 -8.06 1.12 3.26
N ASP A 188 -9.21 0.67 3.78
CA ASP A 188 -10.30 0.24 2.93
C ASP A 188 -11.07 1.48 2.48
N PRO A 189 -11.93 1.39 1.45
CA PRO A 189 -12.58 2.58 0.92
C PRO A 189 -13.45 3.36 1.93
N ILE A 190 -14.03 2.67 2.91
CA ILE A 190 -14.75 3.33 4.00
C ILE A 190 -13.82 4.36 4.66
N ALA A 191 -12.58 3.94 4.89
CA ALA A 191 -11.61 4.74 5.62
C ALA A 191 -11.19 5.94 4.77
N VAL A 192 -11.12 5.77 3.44
CA VAL A 192 -10.69 6.80 2.49
C VAL A 192 -11.60 8.02 2.63
N LEU A 193 -12.92 7.80 2.66
CA LEU A 193 -13.85 8.92 2.76
C LEU A 193 -13.62 9.68 4.07
N GLU A 194 -13.44 8.97 5.19
CA GLU A 194 -13.17 9.60 6.49
C GLU A 194 -11.98 10.56 6.35
N ILE A 195 -10.87 10.07 5.75
CA ILE A 195 -9.62 10.80 5.66
C ILE A 195 -9.82 12.06 4.81
N GLN A 196 -10.57 11.93 3.71
CA GLN A 196 -10.83 13.06 2.82
C GLN A 196 -11.57 14.16 3.60
N LYS A 197 -12.49 13.76 4.48
CA LYS A 197 -13.30 14.69 5.30
C LYS A 197 -12.43 15.37 6.37
N ILE A 198 -11.50 14.62 6.96
CA ILE A 198 -10.57 15.20 7.92
C ILE A 198 -9.69 16.24 7.22
N VAL A 199 -9.23 15.95 6.01
CA VAL A 199 -8.43 16.90 5.24
C VAL A 199 -9.26 18.14 4.91
N LYS A 200 -10.50 17.94 4.45
CA LYS A 200 -11.41 19.04 4.17
C LYS A 200 -11.55 19.91 5.44
N PHE A 201 -11.71 19.24 6.59
CA PHE A 201 -11.87 19.92 7.87
C PHE A 201 -10.60 20.73 8.23
N LEU A 202 -9.41 20.25 7.89
CA LEU A 202 -8.15 20.97 8.15
C LEU A 202 -8.05 22.19 7.23
N LYS A 203 -8.47 22.00 5.97
CA LYS A 203 -8.54 23.06 4.98
C LYS A 203 -9.33 24.24 5.55
N GLN A 204 -10.51 23.93 6.11
CA GLN A 204 -11.47 24.92 6.60
C GLN A 204 -10.97 25.61 7.87
N ARG A 205 -10.08 24.93 8.63
CA ARG A 205 -9.42 25.50 9.84
C ARG A 205 -8.18 26.30 9.43
N ASN A 206 -8.01 26.52 8.12
CA ASN A 206 -6.96 27.34 7.57
C ASN A 206 -5.58 26.72 7.89
N ILE A 207 -5.53 25.39 7.95
CA ILE A 207 -4.30 24.61 8.06
C ILE A 207 -3.93 24.10 6.67
N GLY A 208 -2.68 24.31 6.27
CA GLY A 208 -2.13 23.73 5.04
C GLY A 208 -1.77 22.27 5.26
N VAL A 209 -2.03 21.42 4.26
CA VAL A 209 -1.75 20.00 4.32
C VAL A 209 -0.85 19.58 3.14
N LEU A 210 0.27 18.95 3.44
CA LEU A 210 1.14 18.31 2.46
C LEU A 210 1.01 16.80 2.66
N ILE A 211 0.49 16.13 1.62
CA ILE A 211 0.23 14.70 1.57
C ILE A 211 1.21 14.05 0.58
N THR A 212 1.92 13.01 1.02
CA THR A 212 2.57 12.07 0.10
C THR A 212 1.85 10.74 0.23
N ASP A 213 1.53 10.11 -0.91
CA ASP A 213 0.83 8.82 -0.93
C ASP A 213 1.16 8.12 -2.27
N HIS A 214 0.90 6.81 -2.34
CA HIS A 214 0.97 6.02 -3.60
C HIS A 214 -0.39 6.02 -4.31
N ASN A 215 -1.45 6.32 -3.55
CA ASN A 215 -2.85 6.17 -3.98
C ASN A 215 -3.28 7.48 -4.66
N VAL A 216 -3.15 7.50 -5.99
CA VAL A 216 -3.17 8.75 -6.76
C VAL A 216 -4.59 9.33 -6.82
N ARG A 217 -5.61 8.50 -7.09
CA ARG A 217 -7.00 8.94 -7.23
C ARG A 217 -7.50 9.58 -5.93
N GLU A 218 -7.20 8.93 -4.81
CA GLU A 218 -7.59 9.40 -3.48
C GLU A 218 -6.90 10.73 -3.14
N THR A 219 -5.61 10.83 -3.45
CA THR A 219 -4.82 12.02 -3.12
C THR A 219 -5.19 13.19 -4.05
N LEU A 220 -5.22 12.98 -5.37
CA LEU A 220 -5.55 14.04 -6.32
C LEU A 220 -6.97 14.56 -6.07
N GLY A 221 -7.87 13.70 -5.60
CA GLY A 221 -9.29 14.05 -5.42
C GLY A 221 -9.50 15.15 -4.38
N ILE A 222 -8.54 15.33 -3.46
CA ILE A 222 -8.68 16.29 -2.39
C ILE A 222 -7.61 17.38 -2.46
N CYS A 223 -6.74 17.36 -3.47
CA CYS A 223 -5.64 18.30 -3.58
C CYS A 223 -6.07 19.56 -4.33
N ASP A 224 -5.53 20.71 -3.88
CA ASP A 224 -5.65 21.99 -4.60
C ASP A 224 -4.53 22.12 -5.64
N HIS A 225 -3.38 21.52 -5.34
CA HIS A 225 -2.19 21.59 -6.16
C HIS A 225 -1.38 20.32 -5.91
N ALA A 226 -0.70 19.80 -6.94
CA ALA A 226 0.14 18.62 -6.79
C ALA A 226 1.44 18.80 -7.54
N TYR A 227 2.48 18.15 -7.02
CA TYR A 227 3.81 18.07 -7.60
C TYR A 227 4.11 16.60 -7.89
N ILE A 228 4.41 16.29 -9.15
CA ILE A 228 4.80 14.97 -9.55
C ILE A 228 6.33 14.93 -9.58
N ILE A 229 6.94 14.07 -8.76
CA ILE A 229 8.38 13.97 -8.68
C ILE A 229 8.84 12.73 -9.46
N SER A 230 9.70 12.93 -10.47
CA SER A 230 10.33 11.90 -11.26
C SER A 230 11.80 12.21 -11.44
N ASP A 231 12.60 11.15 -11.45
CA ASP A 231 14.05 11.24 -11.70
C ASP A 231 14.67 12.29 -10.76
N GLY A 232 14.16 12.38 -9.53
CA GLY A 232 14.70 13.21 -8.48
C GLY A 232 14.35 14.69 -8.62
N SER A 233 13.39 15.03 -9.49
CA SER A 233 13.02 16.41 -9.79
C SER A 233 11.51 16.53 -9.95
N VAL A 234 11.05 17.77 -10.08
CA VAL A 234 9.65 18.04 -10.36
C VAL A 234 9.43 17.89 -11.87
N LEU A 235 8.63 16.89 -12.25
CA LEU A 235 8.27 16.64 -13.63
C LEU A 235 7.16 17.59 -14.05
N ALA A 236 6.21 17.84 -13.15
CA ALA A 236 5.08 18.71 -13.38
C ALA A 236 4.46 19.12 -12.06
N SER A 237 3.76 20.25 -12.09
CA SER A 237 3.01 20.74 -10.96
C SER A 237 1.78 21.48 -11.49
N GLY A 238 0.67 21.40 -10.76
CA GLY A 238 -0.56 22.05 -11.17
C GLY A 238 -1.73 21.61 -10.30
N ALA A 239 -2.88 22.24 -10.55
CA ALA A 239 -4.13 21.74 -10.06
C ALA A 239 -4.34 20.35 -10.65
N PRO A 240 -5.09 19.45 -9.97
CA PRO A 240 -5.36 18.10 -10.49
C PRO A 240 -5.72 18.01 -11.98
N LYS A 241 -6.65 18.86 -12.44
CA LYS A 241 -7.10 18.82 -13.84
C LYS A 241 -5.91 19.02 -14.80
N GLU A 242 -4.96 19.90 -14.47
CA GLU A 242 -3.80 20.13 -15.35
C GLU A 242 -2.78 18.99 -15.23
N ILE A 243 -2.67 18.38 -14.05
CA ILE A 243 -1.75 17.28 -13.84
C ILE A 243 -2.15 16.07 -14.69
N ILE A 244 -3.45 15.81 -14.83
CA ILE A 244 -3.87 14.57 -15.44
C ILE A 244 -3.91 14.71 -16.96
N GLU A 245 -3.84 15.95 -17.47
CA GLU A 245 -3.78 16.23 -18.89
C GLU A 245 -2.34 16.52 -19.34
N ASN A 246 -1.40 16.42 -18.42
CA ASN A 246 -0.02 16.71 -18.71
C ASN A 246 0.63 15.48 -19.35
N GLU A 247 1.17 15.64 -20.56
CA GLU A 247 1.59 14.54 -21.40
C GLU A 247 2.78 13.82 -20.78
N SER A 248 3.68 14.54 -20.07
CA SER A 248 4.82 13.88 -19.44
C SER A 248 4.38 13.05 -18.21
N VAL A 249 3.50 13.63 -17.40
CA VAL A 249 2.90 12.88 -16.31
C VAL A 249 2.21 11.61 -16.84
N ARG A 250 1.55 11.70 -17.99
CA ARG A 250 0.80 10.55 -18.57
C ARG A 250 1.75 9.46 -19.11
N ARG A 251 2.86 9.88 -19.71
CA ARG A 251 3.86 8.96 -20.29
C ARG A 251 4.60 8.21 -19.18
N VAL A 252 4.89 8.90 -18.06
CA VAL A 252 5.87 8.44 -17.10
C VAL A 252 5.19 7.70 -15.94
N TYR A 253 4.00 8.16 -15.53
CA TYR A 253 3.46 7.84 -14.22
C TYR A 253 2.04 7.26 -14.31
N LEU A 254 1.10 7.98 -14.95
CA LEU A 254 -0.32 7.66 -14.92
C LEU A 254 -0.70 6.64 -15.99
N GLY A 255 -0.08 6.75 -17.17
CA GLY A 255 -0.44 5.89 -18.29
C GLY A 255 -1.70 6.37 -18.99
N GLU A 256 -2.23 5.53 -19.88
CA GLU A 256 -3.29 5.89 -20.82
C GLU A 256 -4.68 5.77 -20.17
N HIS A 257 -4.88 4.82 -19.26
CA HIS A 257 -6.23 4.40 -18.84
C HIS A 257 -6.65 5.01 -17.51
N PHE A 258 -5.67 5.41 -16.68
CA PHE A 258 -5.92 6.12 -15.45
C PHE A 258 -7.07 7.14 -15.59
N ARG A 259 -8.12 6.97 -14.81
CA ARG A 259 -9.21 7.92 -14.71
C ARG A 259 -9.33 8.37 -13.25
N MET A 260 -9.72 9.63 -13.05
CA MET A 260 -9.92 10.24 -11.74
C MET A 260 -11.23 9.74 -11.11
N GLN B 10 -3.24 -33.69 -14.25
CA GLN B 10 -4.53 -33.21 -14.87
C GLN B 10 -4.22 -32.75 -16.30
N PRO B 11 -4.83 -33.40 -17.34
CA PRO B 11 -4.64 -33.00 -18.74
C PRO B 11 -4.68 -31.48 -19.00
N ALA B 12 -4.12 -31.06 -20.15
CA ALA B 12 -3.82 -29.64 -20.47
C ALA B 12 -5.09 -28.77 -20.52
N GLY B 13 -6.21 -29.35 -20.96
CA GLY B 13 -7.48 -28.63 -21.15
C GLY B 13 -8.48 -28.81 -20.01
N THR B 14 -8.14 -29.63 -19.00
CA THR B 14 -9.08 -29.98 -17.91
C THR B 14 -8.93 -29.02 -16.72
N THR B 15 -10.02 -28.93 -15.95
CA THR B 15 -10.21 -28.03 -14.81
C THR B 15 -9.74 -28.69 -13.51
N SER B 16 -8.47 -28.45 -13.14
CA SER B 16 -7.97 -28.62 -11.76
C SER B 16 -8.87 -27.86 -10.78
N SER B 17 -8.87 -28.31 -9.52
CA SER B 17 -9.68 -27.69 -8.45
C SER B 17 -8.85 -27.46 -7.19
N LEU B 18 -8.99 -26.26 -6.62
CA LEU B 18 -8.46 -25.95 -5.31
C LEU B 18 -9.65 -25.72 -4.40
N VAL B 19 -9.78 -26.54 -3.35
CA VAL B 19 -10.92 -26.51 -2.44
C VAL B 19 -10.42 -26.24 -1.03
N VAL B 20 -10.91 -25.15 -0.43
CA VAL B 20 -10.49 -24.76 0.90
C VAL B 20 -11.73 -24.80 1.81
N ARG B 21 -11.68 -25.56 2.91
CA ARG B 21 -12.85 -25.69 3.79
C ARG B 21 -12.49 -25.36 5.25
N ASN B 22 -13.22 -24.40 5.81
CA ASN B 22 -13.29 -24.13 7.25
C ASN B 22 -11.90 -23.89 7.84
N LEU B 23 -11.11 -23.02 7.20
CA LEU B 23 -9.82 -22.61 7.74
C LEU B 23 -10.05 -21.94 9.09
N LYS B 24 -9.13 -22.21 10.02
CA LYS B 24 -9.17 -21.64 11.31
C LYS B 24 -7.74 -21.37 11.76
N LYS B 25 -7.53 -20.25 12.46
CA LYS B 25 -6.24 -19.89 12.97
C LYS B 25 -6.38 -18.93 14.16
N ARG B 26 -5.59 -19.21 15.21
CA ARG B 26 -5.37 -18.29 16.32
C ARG B 26 -3.86 -18.22 16.62
N TYR B 27 -3.44 -17.13 17.26
CA TYR B 27 -2.08 -16.97 17.79
C TYR B 27 -2.11 -16.85 19.33
N GLY B 28 -2.61 -15.72 19.83
CA GLY B 28 -2.90 -15.54 21.27
C GLY B 28 -4.35 -15.84 21.61
N SER B 29 -5.16 -16.00 20.56
CA SER B 29 -6.59 -16.31 20.67
C SER B 29 -7.36 -15.08 21.18
N ARG B 30 -7.37 -13.94 20.47
CA ARG B 30 -6.81 -13.66 19.14
C ARG B 30 -7.05 -14.83 18.16
N THR B 31 -8.32 -15.02 17.81
CA THR B 31 -8.76 -15.88 16.71
C THR B 31 -8.91 -15.01 15.45
N VAL B 32 -7.92 -15.10 14.57
CA VAL B 32 -7.76 -14.21 13.44
C VAL B 32 -8.59 -14.75 12.27
N VAL B 33 -8.71 -16.08 12.14
CA VAL B 33 -9.60 -16.73 11.16
C VAL B 33 -10.45 -17.75 11.91
N LYS B 34 -11.78 -17.66 11.74
CA LYS B 34 -12.72 -18.55 12.39
C LYS B 34 -13.14 -19.63 11.42
N ASP B 35 -13.65 -19.22 10.25
CA ASP B 35 -14.18 -20.15 9.26
C ASP B 35 -14.15 -19.49 7.88
N VAL B 36 -13.17 -19.90 7.05
CA VAL B 36 -13.05 -19.46 5.69
C VAL B 36 -13.00 -20.67 4.76
N SER B 37 -13.93 -20.70 3.81
CA SER B 37 -14.01 -21.69 2.77
C SER B 37 -14.00 -20.94 1.45
N LEU B 38 -13.34 -21.51 0.44
CA LEU B 38 -13.41 -20.95 -0.91
C LEU B 38 -13.03 -22.02 -1.91
N ASP B 39 -13.24 -21.71 -3.19
CA ASP B 39 -12.93 -22.62 -4.30
C ASP B 39 -12.22 -21.81 -5.37
N VAL B 40 -11.27 -22.44 -6.06
CA VAL B 40 -10.67 -21.87 -7.24
C VAL B 40 -10.55 -22.99 -8.27
N LYS B 41 -10.96 -22.70 -9.52
CA LYS B 41 -10.82 -23.62 -10.63
C LYS B 41 -9.79 -23.09 -11.63
N SER B 42 -9.22 -24.01 -12.41
CA SER B 42 -8.33 -23.68 -13.53
C SER B 42 -8.95 -22.55 -14.35
N GLY B 43 -8.14 -21.55 -14.70
CA GLY B 43 -8.54 -20.49 -15.60
C GLY B 43 -9.44 -19.46 -14.95
N GLU B 44 -9.65 -19.58 -13.64
CA GLU B 44 -10.48 -18.64 -12.93
C GLU B 44 -9.54 -17.72 -12.14
N VAL B 45 -9.88 -16.43 -12.06
CA VAL B 45 -9.18 -15.51 -11.19
C VAL B 45 -10.07 -15.20 -9.98
N VAL B 46 -9.56 -15.48 -8.77
CA VAL B 46 -10.32 -15.28 -7.56
C VAL B 46 -9.64 -14.24 -6.65
N GLY B 47 -10.45 -13.31 -6.14
CA GLY B 47 -10.01 -12.26 -5.27
C GLY B 47 -10.32 -12.58 -3.83
N LEU B 48 -9.37 -12.29 -2.95
CA LEU B 48 -9.53 -12.50 -1.53
C LEU B 48 -9.36 -11.13 -0.87
N LEU B 49 -10.50 -10.47 -0.60
CA LEU B 49 -10.53 -9.09 -0.17
C LEU B 49 -11.19 -8.98 1.21
N GLY B 50 -11.18 -7.76 1.75
CA GLY B 50 -11.82 -7.46 2.98
C GLY B 50 -10.98 -6.50 3.79
N PRO B 51 -11.49 -6.04 4.94
CA PRO B 51 -10.76 -5.09 5.79
C PRO B 51 -9.36 -5.57 6.18
N ASN B 52 -8.41 -4.64 6.23
CA ASN B 52 -7.06 -4.92 6.66
C ASN B 52 -7.10 -5.61 8.03
N GLY B 53 -6.46 -6.78 8.13
CA GLY B 53 -6.24 -7.47 9.40
C GLY B 53 -7.38 -8.38 9.81
N ALA B 54 -8.47 -8.40 9.03
CA ALA B 54 -9.68 -9.09 9.41
C ALA B 54 -9.73 -10.53 8.85
N GLY B 55 -8.60 -11.04 8.32
CA GLY B 55 -8.43 -12.48 8.11
C GLY B 55 -8.05 -12.92 6.69
N LYS B 56 -8.13 -12.03 5.70
CA LYS B 56 -7.88 -12.41 4.31
C LYS B 56 -6.41 -12.78 4.13
N THR B 57 -5.53 -12.12 4.89
CA THR B 57 -4.10 -12.26 4.73
C THR B 57 -3.67 -13.58 5.36
N THR B 58 -4.12 -13.85 6.59
CA THR B 58 -3.78 -15.10 7.25
C THR B 58 -4.37 -16.27 6.43
N SER B 59 -5.60 -16.11 5.93
CA SER B 59 -6.24 -17.13 5.11
C SER B 59 -5.37 -17.45 3.89
N PHE B 60 -4.96 -16.38 3.22
CA PHE B 60 -4.07 -16.45 2.09
C PHE B 60 -2.78 -17.23 2.42
N TYR B 61 -2.11 -16.87 3.52
CA TYR B 61 -0.83 -17.50 3.87
C TYR B 61 -1.06 -18.96 4.28
N MET B 62 -2.27 -19.29 4.76
CA MET B 62 -2.57 -20.66 5.17
C MET B 62 -2.69 -21.55 3.92
N ILE B 63 -3.14 -20.95 2.83
CA ILE B 63 -3.28 -21.64 1.58
C ILE B 63 -1.94 -21.75 0.84
N VAL B 64 -1.08 -20.72 0.92
CA VAL B 64 0.30 -20.79 0.43
C VAL B 64 0.97 -21.96 1.16
N GLY B 65 0.69 -22.09 2.47
CA GLY B 65 1.37 -23.05 3.35
C GLY B 65 2.38 -22.41 4.30
N LEU B 66 2.45 -21.09 4.34
CA LEU B 66 3.41 -20.38 5.20
C LEU B 66 2.84 -20.20 6.61
N VAL B 67 1.51 -20.29 6.75
CA VAL B 67 0.87 -20.27 8.06
C VAL B 67 0.16 -21.59 8.30
N PRO B 68 0.59 -22.39 9.30
CA PRO B 68 -0.01 -23.71 9.52
C PRO B 68 -1.43 -23.63 10.10
N LEU B 69 -2.33 -24.48 9.59
CA LEU B 69 -3.75 -24.52 9.94
C LEU B 69 -3.90 -24.93 11.41
N ASP B 70 -4.85 -24.33 12.13
CA ASP B 70 -5.30 -24.84 13.44
C ASP B 70 -6.45 -25.84 13.22
N ALA B 71 -7.30 -25.53 12.24
CA ALA B 71 -8.28 -26.47 11.71
C ALA B 71 -8.54 -26.15 10.23
N GLY B 72 -9.21 -27.08 9.55
CA GLY B 72 -9.68 -26.92 8.16
C GLY B 72 -8.94 -27.86 7.23
N ASP B 73 -9.26 -27.77 5.95
CA ASP B 73 -8.74 -28.69 4.97
C ASP B 73 -8.57 -27.93 3.65
N ILE B 74 -7.53 -28.31 2.91
CA ILE B 74 -7.24 -27.78 1.61
C ILE B 74 -6.96 -28.97 0.71
N SER B 75 -7.66 -29.07 -0.41
CA SER B 75 -7.35 -30.13 -1.30
C SER B 75 -7.17 -29.58 -2.72
N LEU B 76 -6.19 -30.17 -3.39
CA LEU B 76 -5.80 -29.86 -4.76
C LEU B 76 -6.06 -31.10 -5.60
N ASN B 77 -7.05 -31.03 -6.49
CA ASN B 77 -7.51 -32.17 -7.33
C ASN B 77 -7.80 -33.38 -6.44
N GLY B 78 -8.55 -33.16 -5.35
CA GLY B 78 -9.03 -34.23 -4.50
C GLY B 78 -7.97 -34.78 -3.53
N SER B 79 -6.71 -34.32 -3.59
CA SER B 79 -5.71 -34.78 -2.57
C SER B 79 -5.45 -33.68 -1.54
N PRO B 80 -5.44 -34.03 -0.22
CA PRO B 80 -5.20 -33.04 0.84
C PRO B 80 -3.75 -32.55 0.84
N ILE B 81 -3.58 -31.24 1.10
CA ILE B 81 -2.24 -30.60 1.15
C ILE B 81 -2.15 -29.72 2.40
N SER B 82 -3.16 -29.80 3.27
CA SER B 82 -3.36 -28.90 4.40
C SER B 82 -2.08 -28.82 5.25
N LEU B 83 -1.35 -29.95 5.33
CA LEU B 83 -0.24 -30.12 6.24
C LEU B 83 1.11 -30.02 5.53
N MET B 84 1.13 -29.97 4.18
CA MET B 84 2.37 -29.90 3.43
C MET B 84 2.94 -28.48 3.47
N PRO B 85 4.27 -28.31 3.61
CA PRO B 85 4.90 -26.98 3.58
C PRO B 85 4.98 -26.42 2.15
N ILE B 86 5.29 -25.12 2.07
CA ILE B 86 5.14 -24.34 0.82
C ILE B 86 5.82 -25.06 -0.35
N HIS B 87 7.07 -25.50 -0.18
CA HIS B 87 7.85 -26.00 -1.30
C HIS B 87 7.24 -27.30 -1.85
N LYS B 88 6.60 -28.11 -1.00
CA LYS B 88 6.02 -29.37 -1.48
C LYS B 88 4.69 -29.08 -2.21
N ARG B 89 3.91 -28.10 -1.73
CA ARG B 89 2.68 -27.71 -2.43
C ARG B 89 3.02 -27.26 -3.84
N ALA B 90 4.17 -26.60 -4.01
CA ALA B 90 4.60 -26.10 -5.33
C ALA B 90 4.90 -27.28 -6.28
N SER B 91 5.55 -28.32 -5.77
CA SER B 91 5.82 -29.56 -6.54
C SER B 91 4.51 -30.15 -7.09
N LEU B 92 3.40 -29.99 -6.36
CA LEU B 92 2.06 -30.49 -6.78
C LEU B 92 1.31 -29.46 -7.65
N GLY B 93 1.91 -28.30 -7.91
CA GLY B 93 1.38 -27.32 -8.85
C GLY B 93 0.68 -26.13 -8.20
N LEU B 94 0.90 -25.89 -6.90
CA LEU B 94 0.38 -24.70 -6.21
C LEU B 94 1.54 -23.75 -5.91
N SER B 95 1.70 -22.71 -6.73
CA SER B 95 2.88 -21.85 -6.75
C SER B 95 2.57 -20.47 -6.13
N TYR B 96 3.49 -19.99 -5.29
CA TYR B 96 3.39 -18.69 -4.68
C TYR B 96 4.40 -17.76 -5.37
N LEU B 97 3.94 -16.58 -5.79
CA LEU B 97 4.82 -15.50 -6.28
C LEU B 97 5.17 -14.55 -5.14
N PRO B 98 6.36 -14.70 -4.50
CA PRO B 98 6.88 -13.67 -3.59
C PRO B 98 7.57 -12.57 -4.40
N GLN B 99 7.08 -11.33 -4.36
CA GLN B 99 7.71 -10.23 -5.11
C GLN B 99 8.99 -9.78 -4.39
N GLU B 100 10.14 -10.00 -5.05
CA GLU B 100 11.46 -9.71 -4.52
C GLU B 100 12.48 -10.07 -5.60
N ALA B 101 13.65 -9.41 -5.58
CA ALA B 101 14.72 -9.72 -6.52
C ALA B 101 16.09 -9.76 -5.83
N SER B 102 16.08 -10.11 -4.54
CA SER B 102 17.28 -10.48 -3.80
C SER B 102 17.66 -11.94 -4.08
N VAL B 103 16.69 -12.74 -4.55
CA VAL B 103 16.90 -14.13 -4.93
C VAL B 103 17.69 -14.16 -6.26
N PHE B 104 17.50 -13.14 -7.10
CA PHE B 104 18.12 -13.04 -8.43
C PHE B 104 19.59 -12.62 -8.33
N ARG B 105 20.00 -12.04 -7.20
CA ARG B 105 21.38 -11.66 -6.90
C ARG B 105 21.92 -10.81 -8.06
N LYS B 106 22.99 -11.30 -8.71
CA LYS B 106 23.62 -10.64 -9.85
C LYS B 106 23.60 -11.58 -11.07
N LEU B 107 22.73 -12.58 -11.06
CA LEU B 107 22.57 -13.44 -12.24
C LEU B 107 21.64 -12.75 -13.25
N THR B 108 21.84 -13.07 -14.52
CA THR B 108 21.05 -12.57 -15.65
C THR B 108 19.67 -13.24 -15.64
N VAL B 109 18.78 -12.77 -16.51
CA VAL B 109 17.44 -13.30 -16.58
C VAL B 109 17.49 -14.77 -17.03
N GLU B 110 18.28 -15.05 -18.07
CA GLU B 110 18.43 -16.39 -18.60
C GLU B 110 18.95 -17.30 -17.48
N GLN B 111 19.93 -16.81 -16.71
CA GLN B 111 20.56 -17.61 -15.67
C GLN B 111 19.52 -17.97 -14.59
N ASN B 112 18.66 -17.00 -14.22
CA ASN B 112 17.65 -17.20 -13.20
C ASN B 112 16.59 -18.23 -13.63
N VAL B 113 16.17 -18.19 -14.90
CA VAL B 113 15.17 -19.12 -15.37
C VAL B 113 15.80 -20.52 -15.49
N ARG B 114 17.02 -20.58 -16.05
CA ARG B 114 17.81 -21.81 -16.22
C ARG B 114 17.98 -22.52 -14.87
N ALA B 115 18.23 -21.75 -13.80
CA ALA B 115 18.58 -22.32 -12.49
C ALA B 115 17.40 -23.13 -11.91
N VAL B 116 16.16 -22.70 -12.19
CA VAL B 116 14.96 -23.39 -11.71
C VAL B 116 14.72 -24.67 -12.52
N LEU B 117 15.02 -24.65 -13.82
CA LEU B 117 14.89 -25.83 -14.69
C LEU B 117 15.95 -26.89 -14.35
N GLU B 118 17.11 -26.46 -13.82
CA GLU B 118 18.19 -27.37 -13.43
C GLU B 118 17.78 -28.21 -12.20
N LEU B 119 16.66 -27.88 -11.53
CA LEU B 119 16.14 -28.62 -10.36
C LEU B 119 14.96 -29.54 -10.74
N GLN B 120 14.43 -29.40 -11.95
CA GLN B 120 13.28 -30.19 -12.40
C GLN B 120 13.75 -31.62 -12.69
N HIS B 121 12.80 -32.56 -12.62
CA HIS B 121 12.98 -33.95 -13.06
C HIS B 121 11.90 -34.31 -14.09
N ASP B 122 12.17 -35.36 -14.87
CA ASP B 122 11.37 -35.75 -16.05
C ASP B 122 10.08 -36.43 -15.58
N GLY B 125 11.58 -40.37 -14.57
CA GLY B 125 11.60 -39.07 -13.89
C GLY B 125 12.98 -38.66 -13.40
N LYS B 126 13.88 -38.36 -14.35
CA LYS B 126 15.31 -38.07 -14.09
C LYS B 126 15.65 -36.61 -14.44
N ARG B 127 16.94 -36.26 -14.33
CA ARG B 127 17.43 -34.91 -14.65
C ARG B 127 17.19 -34.59 -16.12
N LEU B 128 16.96 -33.32 -16.42
CA LEU B 128 16.91 -32.83 -17.79
C LEU B 128 18.33 -32.69 -18.34
N SER B 129 18.49 -32.97 -19.63
CA SER B 129 19.74 -32.70 -20.35
C SER B 129 19.95 -31.19 -20.48
N LYS B 130 21.21 -30.78 -20.64
CA LYS B 130 21.58 -29.37 -20.85
C LYS B 130 20.85 -28.82 -22.09
N ASP B 131 20.53 -29.68 -23.05
CA ASP B 131 19.86 -29.29 -24.28
C ASP B 131 18.37 -28.99 -24.05
N ALA B 132 17.70 -29.83 -23.25
CA ALA B 132 16.27 -29.69 -22.97
C ALA B 132 16.01 -28.51 -22.02
N ILE B 133 16.98 -28.23 -21.15
CA ILE B 133 16.95 -27.07 -20.25
C ILE B 133 17.06 -25.79 -21.09
N GLY B 134 18.01 -25.80 -22.03
CA GLY B 134 18.20 -24.71 -22.96
C GLY B 134 16.93 -24.41 -23.75
N ALA B 135 16.29 -25.45 -24.29
CA ALA B 135 15.08 -25.31 -25.10
C ALA B 135 13.90 -24.82 -24.26
N ARG B 136 13.75 -25.36 -23.04
CA ARG B 136 12.72 -24.95 -22.11
C ARG B 136 12.92 -23.48 -21.72
N THR B 137 14.16 -23.05 -21.50
CA THR B 137 14.47 -21.68 -21.13
C THR B 137 13.98 -20.73 -22.23
N GLU B 138 14.35 -21.03 -23.48
CA GLU B 138 14.02 -20.20 -24.63
C GLU B 138 12.50 -20.09 -24.78
N ALA B 139 11.80 -21.21 -24.62
CA ALA B 139 10.35 -21.25 -24.79
C ALA B 139 9.65 -20.39 -23.71
N LEU B 140 10.17 -20.36 -22.48
CA LEU B 140 9.56 -19.56 -21.40
C LEU B 140 9.82 -18.07 -21.62
N LEU B 141 11.06 -17.71 -21.95
CA LEU B 141 11.38 -16.34 -22.27
C LEU B 141 10.47 -15.81 -23.39
N GLU B 142 10.31 -16.58 -24.48
CA GLU B 142 9.55 -16.13 -25.65
C GLU B 142 8.04 -16.05 -25.31
N GLU B 143 7.56 -16.97 -24.47
CA GLU B 143 6.17 -16.98 -24.07
C GLU B 143 5.84 -15.76 -23.21
N LEU B 144 6.75 -15.34 -22.33
CA LEU B 144 6.54 -14.17 -21.44
C LEU B 144 6.97 -12.86 -22.13
N GLN B 145 7.47 -12.96 -23.37
CA GLN B 145 7.91 -11.82 -24.15
C GLN B 145 9.05 -11.07 -23.43
N ILE B 146 10.00 -11.81 -22.86
CA ILE B 146 11.14 -11.24 -22.16
C ILE B 146 12.44 -11.80 -22.74
N ALA B 147 12.39 -12.33 -23.97
CA ALA B 147 13.58 -12.86 -24.65
C ALA B 147 14.62 -11.75 -24.79
N HIS B 148 14.14 -10.51 -25.00
CA HIS B 148 14.98 -9.32 -25.17
C HIS B 148 15.69 -8.95 -23.86
N LEU B 149 15.20 -9.45 -22.72
CA LEU B 149 15.82 -9.21 -21.39
C LEU B 149 16.82 -10.31 -21.01
N ARG B 150 17.13 -11.25 -21.90
CA ARG B 150 17.81 -12.49 -21.47
C ARG B 150 19.16 -12.21 -20.80
N GLU B 151 19.90 -11.16 -21.22
CA GLU B 151 21.24 -10.92 -20.67
C GLU B 151 21.25 -9.77 -19.63
N ASN B 152 20.08 -9.26 -19.24
CA ASN B 152 19.99 -8.18 -18.28
C ASN B 152 20.31 -8.67 -16.87
N PRO B 153 21.18 -7.96 -16.11
CA PRO B 153 21.27 -8.14 -14.67
C PRO B 153 19.91 -7.93 -14.00
N ALA B 154 19.65 -8.61 -12.89
CA ALA B 154 18.36 -8.45 -12.20
C ALA B 154 18.15 -7.03 -11.65
N LEU B 155 19.24 -6.27 -11.46
CA LEU B 155 19.15 -4.90 -10.90
C LEU B 155 18.65 -3.88 -11.93
N SER B 156 18.87 -4.16 -13.21
CA SER B 156 18.46 -3.28 -14.35
C SER B 156 16.98 -3.46 -14.74
N LEU B 157 16.25 -4.39 -14.10
CA LEU B 157 14.87 -4.73 -14.46
C LEU B 157 13.89 -3.86 -13.66
N SER B 158 12.82 -3.42 -14.34
CA SER B 158 11.67 -2.78 -13.73
C SER B 158 10.87 -3.80 -12.92
N GLY B 159 9.93 -3.30 -12.12
CA GLY B 159 8.99 -4.13 -11.37
C GLY B 159 8.18 -5.04 -12.28
N GLY B 160 7.76 -4.47 -13.43
CA GLY B 160 7.02 -5.22 -14.45
C GLY B 160 7.84 -6.38 -15.00
N GLU B 161 9.09 -6.07 -15.38
CA GLU B 161 10.04 -7.05 -15.93
C GLU B 161 10.33 -8.13 -14.88
N ARG B 162 10.56 -7.70 -13.64
CA ARG B 162 10.88 -8.63 -12.56
C ARG B 162 9.74 -9.64 -12.39
N ARG B 163 8.48 -9.17 -12.47
CA ARG B 163 7.32 -10.06 -12.23
C ARG B 163 7.20 -11.08 -13.37
N ARG B 164 7.43 -10.64 -14.61
CA ARG B 164 7.44 -11.53 -15.77
C ARG B 164 8.50 -12.63 -15.58
N VAL B 165 9.65 -12.27 -15.01
CA VAL B 165 10.70 -13.23 -14.80
C VAL B 165 10.27 -14.25 -13.72
N GLU B 166 9.69 -13.79 -12.61
CA GLU B 166 9.19 -14.70 -11.58
C GLU B 166 8.11 -15.62 -12.16
N ILE B 167 7.27 -15.11 -13.04
CA ILE B 167 6.27 -15.93 -13.71
C ILE B 167 7.00 -17.02 -14.53
N ALA B 168 7.96 -16.63 -15.38
CA ALA B 168 8.77 -17.64 -16.09
C ALA B 168 9.26 -18.71 -15.11
N ARG B 169 9.84 -18.29 -13.99
CA ARG B 169 10.37 -19.23 -12.99
C ARG B 169 9.27 -20.18 -12.52
N ALA B 170 8.09 -19.62 -12.23
CA ALA B 170 6.95 -20.37 -11.73
C ALA B 170 6.43 -21.35 -12.81
N LEU B 171 6.35 -20.89 -14.06
CA LEU B 171 5.82 -21.71 -15.14
C LEU B 171 6.70 -22.94 -15.41
N ALA B 172 7.99 -22.86 -15.07
CA ALA B 172 8.90 -23.99 -15.22
C ALA B 172 8.50 -25.19 -14.35
N SER B 173 7.54 -25.00 -13.43
CA SER B 173 7.04 -26.09 -12.54
C SER B 173 5.69 -26.65 -13.03
N ASN B 174 5.11 -26.08 -14.09
CA ASN B 174 3.80 -26.52 -14.62
C ASN B 174 2.72 -26.41 -13.53
N PRO B 175 2.51 -25.20 -12.95
CA PRO B 175 1.50 -25.04 -11.91
C PRO B 175 0.07 -25.05 -12.45
N SER B 176 -0.88 -25.53 -11.65
CA SER B 176 -2.30 -25.34 -11.91
C SER B 176 -2.82 -24.05 -11.25
N PHE B 177 -2.12 -23.57 -10.22
CA PHE B 177 -2.58 -22.42 -9.43
C PHE B 177 -1.41 -21.51 -9.04
N ILE B 178 -1.60 -20.20 -9.20
CA ILE B 178 -0.64 -19.19 -8.81
C ILE B 178 -1.30 -18.20 -7.84
N LEU B 179 -0.62 -17.99 -6.73
CA LEU B 179 -1.06 -17.13 -5.64
C LEU B 179 -0.21 -15.86 -5.66
N LEU B 180 -0.88 -14.73 -5.89
CA LEU B 180 -0.29 -13.39 -6.00
C LEU B 180 -0.61 -12.58 -4.74
N ASP B 181 0.42 -12.23 -3.98
CA ASP B 181 0.36 -11.49 -2.73
C ASP B 181 0.50 -9.99 -3.01
N GLU B 182 -0.61 -9.26 -2.81
CA GLU B 182 -0.73 -7.80 -2.98
C GLU B 182 0.13 -7.29 -4.12
N PRO B 183 -0.16 -7.71 -5.38
CA PRO B 183 0.60 -7.25 -6.54
C PRO B 183 0.48 -5.74 -6.82
N PHE B 184 -0.61 -5.12 -6.36
CA PHE B 184 -0.86 -3.72 -6.62
C PHE B 184 -0.33 -2.79 -5.53
N ALA B 185 0.17 -3.33 -4.41
CA ALA B 185 0.59 -2.49 -3.26
C ALA B 185 1.73 -1.54 -3.68
N GLY B 186 1.42 -0.23 -3.69
CA GLY B 186 2.42 0.82 -3.85
C GLY B 186 2.85 1.06 -5.29
N VAL B 187 2.21 0.42 -6.27
CA VAL B 187 2.68 0.49 -7.67
C VAL B 187 2.00 1.66 -8.40
N ASP B 188 2.69 2.16 -9.41
CA ASP B 188 2.27 3.33 -10.16
C ASP B 188 1.10 2.94 -11.06
N PRO B 189 0.17 3.86 -11.37
CA PRO B 189 -0.98 3.50 -12.21
C PRO B 189 -0.59 2.97 -13.60
N ILE B 190 0.54 3.44 -14.15
CA ILE B 190 0.99 2.90 -15.41
C ILE B 190 1.27 1.39 -15.28
N ALA B 191 1.68 0.90 -14.10
CA ALA B 191 2.02 -0.51 -13.87
C ALA B 191 0.79 -1.42 -13.77
N VAL B 192 -0.39 -0.85 -13.50
CA VAL B 192 -1.66 -1.61 -13.37
C VAL B 192 -1.92 -2.39 -14.67
N LEU B 193 -1.73 -1.76 -15.82
CA LEU B 193 -1.92 -2.41 -17.11
C LEU B 193 -1.06 -3.70 -17.19
N GLU B 194 0.22 -3.62 -16.83
CA GLU B 194 1.15 -4.73 -16.92
C GLU B 194 0.57 -5.92 -16.15
N ILE B 195 0.13 -5.66 -14.91
CA ILE B 195 -0.33 -6.68 -14.00
C ILE B 195 -1.60 -7.34 -14.56
N GLN B 196 -2.51 -6.53 -15.11
CA GLN B 196 -3.75 -7.02 -15.65
C GLN B 196 -3.46 -8.00 -16.79
N LYS B 197 -2.45 -7.68 -17.62
CA LYS B 197 -2.06 -8.49 -18.76
C LYS B 197 -1.44 -9.81 -18.32
N ILE B 198 -0.63 -9.78 -17.27
CA ILE B 198 -0.04 -10.99 -16.74
C ILE B 198 -1.13 -11.92 -16.20
N VAL B 199 -2.13 -11.35 -15.52
CA VAL B 199 -3.21 -12.14 -14.96
C VAL B 199 -4.03 -12.73 -16.11
N LYS B 200 -4.35 -11.90 -17.11
CA LYS B 200 -5.04 -12.36 -18.30
C LYS B 200 -4.25 -13.52 -18.93
N PHE B 201 -2.94 -13.37 -19.03
CA PHE B 201 -2.06 -14.38 -19.63
C PHE B 201 -2.13 -15.70 -18.86
N LEU B 202 -2.23 -15.64 -17.51
CA LEU B 202 -2.29 -16.85 -16.70
C LEU B 202 -3.65 -17.53 -16.92
N LYS B 203 -4.69 -16.71 -16.97
CA LYS B 203 -6.07 -17.14 -17.24
C LYS B 203 -6.09 -18.02 -18.49
N GLN B 204 -5.48 -17.52 -19.57
CA GLN B 204 -5.64 -18.13 -20.85
C GLN B 204 -4.69 -19.34 -20.99
N ARG B 205 -3.69 -19.48 -20.11
CA ARG B 205 -2.87 -20.70 -20.01
C ARG B 205 -3.54 -21.71 -19.05
N ASN B 206 -4.79 -21.45 -18.69
CA ASN B 206 -5.62 -22.36 -17.90
C ASN B 206 -5.03 -22.55 -16.49
N ILE B 207 -4.39 -21.49 -15.97
CA ILE B 207 -3.89 -21.44 -14.61
C ILE B 207 -4.88 -20.62 -13.79
N GLY B 208 -5.31 -21.17 -12.64
CA GLY B 208 -6.14 -20.43 -11.68
C GLY B 208 -5.29 -19.48 -10.87
N VAL B 209 -5.81 -18.28 -10.59
CA VAL B 209 -5.11 -17.23 -9.87
C VAL B 209 -5.92 -16.83 -8.63
N LEU B 210 -5.26 -16.88 -7.47
CA LEU B 210 -5.78 -16.35 -6.24
C LEU B 210 -4.96 -15.10 -5.89
N ILE B 211 -5.63 -13.94 -5.84
CA ILE B 211 -5.06 -12.65 -5.51
C ILE B 211 -5.65 -12.17 -4.18
N THR B 212 -4.78 -11.74 -3.26
CA THR B 212 -5.18 -10.92 -2.10
C THR B 212 -4.56 -9.54 -2.29
N ASP B 213 -5.31 -8.46 -2.02
CA ASP B 213 -4.84 -7.08 -2.20
C ASP B 213 -5.68 -6.14 -1.33
N HIS B 214 -5.15 -4.93 -1.06
CA HIS B 214 -5.90 -3.83 -0.39
C HIS B 214 -6.62 -2.96 -1.44
N ASN B 215 -6.15 -3.02 -2.69
CA ASN B 215 -6.58 -2.14 -3.77
C ASN B 215 -7.83 -2.76 -4.44
N VAL B 216 -9.02 -2.35 -3.98
CA VAL B 216 -10.27 -3.04 -4.26
C VAL B 216 -10.66 -2.88 -5.74
N ARG B 217 -10.62 -1.65 -6.27
CA ARG B 217 -11.03 -1.34 -7.65
C ARG B 217 -10.18 -2.14 -8.65
N GLU B 218 -8.86 -2.13 -8.42
CA GLU B 218 -7.89 -2.81 -9.26
C GLU B 218 -8.13 -4.34 -9.24
N THR B 219 -8.34 -4.88 -8.05
CA THR B 219 -8.51 -6.32 -7.85
C THR B 219 -9.86 -6.80 -8.42
N LEU B 220 -10.96 -6.13 -8.07
CA LEU B 220 -12.29 -6.54 -8.53
C LEU B 220 -12.37 -6.49 -10.06
N GLY B 221 -11.63 -5.56 -10.67
CA GLY B 221 -11.67 -5.33 -12.11
C GLY B 221 -11.17 -6.52 -12.93
N ILE B 222 -10.37 -7.41 -12.33
CA ILE B 222 -9.82 -8.55 -13.07
C ILE B 222 -10.29 -9.89 -12.47
N CYS B 223 -11.13 -9.87 -11.43
CA CYS B 223 -11.58 -11.09 -10.78
C CYS B 223 -12.84 -11.67 -11.45
N ASP B 224 -12.92 -13.00 -11.54
N ASP B 224 -12.87 -13.01 -11.57
CA ASP B 224 -14.16 -13.71 -11.94
CA ASP B 224 -14.06 -13.81 -11.94
C ASP B 224 -15.08 -13.90 -10.72
C ASP B 224 -15.01 -13.85 -10.74
N HIS B 225 -14.45 -14.08 -9.54
CA HIS B 225 -15.16 -14.29 -8.31
C HIS B 225 -14.35 -13.68 -7.17
N ALA B 226 -15.03 -13.16 -6.14
CA ALA B 226 -14.34 -12.59 -4.99
C ALA B 226 -15.01 -13.05 -3.69
N TYR B 227 -14.19 -13.14 -2.63
CA TYR B 227 -14.58 -13.45 -1.29
C TYR B 227 -14.18 -12.26 -0.41
N ILE B 228 -15.16 -11.72 0.31
CA ILE B 228 -14.91 -10.65 1.26
C ILE B 228 -14.76 -11.29 2.64
N ILE B 229 -13.58 -11.14 3.27
CA ILE B 229 -13.31 -11.73 4.55
C ILE B 229 -13.40 -10.62 5.61
N SER B 230 -14.32 -10.78 6.56
CA SER B 230 -14.53 -9.87 7.68
C SER B 230 -14.73 -10.68 8.96
N ASP B 231 -14.18 -10.16 10.06
CA ASP B 231 -14.35 -10.75 11.38
C ASP B 231 -13.97 -12.24 11.34
N GLY B 232 -12.93 -12.56 10.56
CA GLY B 232 -12.34 -13.90 10.49
C GLY B 232 -13.15 -14.90 9.69
N SER B 233 -14.12 -14.42 8.90
CA SER B 233 -15.07 -15.28 8.20
C SER B 233 -15.39 -14.67 6.84
N VAL B 234 -16.10 -15.43 6.01
CA VAL B 234 -16.56 -14.96 4.75
C VAL B 234 -17.86 -14.18 4.98
N LEU B 235 -17.83 -12.89 4.68
CA LEU B 235 -18.98 -12.02 4.77
C LEU B 235 -19.89 -12.24 3.56
N ALA B 236 -19.27 -12.36 2.39
CA ALA B 236 -20.00 -12.56 1.13
C ALA B 236 -19.03 -13.01 0.03
N SER B 237 -19.59 -13.59 -1.03
CA SER B 237 -18.85 -14.08 -2.16
C SER B 237 -19.72 -13.94 -3.40
N GLY B 238 -19.09 -13.71 -4.56
CA GLY B 238 -19.81 -13.57 -5.82
C GLY B 238 -18.93 -13.00 -6.91
N ALA B 239 -19.51 -12.91 -8.11
CA ALA B 239 -18.96 -12.12 -9.16
C ALA B 239 -18.87 -10.67 -8.68
N PRO B 240 -17.90 -9.87 -9.19
CA PRO B 240 -17.74 -8.47 -8.77
C PRO B 240 -19.04 -7.64 -8.68
N LYS B 241 -19.89 -7.74 -9.70
CA LYS B 241 -21.13 -6.93 -9.74
C LYS B 241 -22.03 -7.24 -8.53
N GLU B 242 -22.07 -8.51 -8.10
CA GLU B 242 -22.91 -8.91 -6.94
C GLU B 242 -22.25 -8.45 -5.63
N ILE B 243 -20.91 -8.46 -5.60
CA ILE B 243 -20.16 -8.08 -4.41
C ILE B 243 -20.38 -6.61 -4.08
N ILE B 244 -20.46 -5.76 -5.11
CA ILE B 244 -20.51 -4.30 -5.01
C ILE B 244 -21.89 -3.85 -4.53
N GLU B 245 -22.91 -4.67 -4.80
CA GLU B 245 -24.29 -4.34 -4.50
C GLU B 245 -24.74 -5.05 -3.21
N ASN B 246 -23.83 -5.74 -2.54
CA ASN B 246 -24.17 -6.44 -1.31
C ASN B 246 -24.15 -5.45 -0.14
N GLU B 247 -25.28 -5.36 0.57
CA GLU B 247 -25.54 -4.33 1.60
C GLU B 247 -24.55 -4.46 2.76
N SER B 248 -24.23 -5.69 3.15
CA SER B 248 -23.32 -5.91 4.28
C SER B 248 -21.86 -5.56 3.89
N VAL B 249 -21.47 -5.93 2.67
CA VAL B 249 -20.17 -5.52 2.13
C VAL B 249 -20.10 -3.99 2.13
N ARG B 250 -21.20 -3.31 1.80
CA ARG B 250 -21.21 -1.82 1.71
C ARG B 250 -21.10 -1.19 3.10
N ARG B 251 -21.75 -1.79 4.09
CA ARG B 251 -21.78 -1.25 5.46
C ARG B 251 -20.42 -1.43 6.14
N VAL B 252 -19.74 -2.53 5.84
CA VAL B 252 -18.55 -2.95 6.60
C VAL B 252 -17.25 -2.44 5.94
N TYR B 253 -17.21 -2.43 4.61
CA TYR B 253 -15.96 -2.47 3.85
C TYR B 253 -15.88 -1.36 2.80
N LEU B 254 -16.85 -1.34 1.87
CA LEU B 254 -16.83 -0.49 0.68
C LEU B 254 -17.37 0.92 0.93
N GLY B 255 -18.36 1.06 1.82
CA GLY B 255 -19.09 2.33 1.96
C GLY B 255 -20.16 2.49 0.89
N GLU B 256 -20.93 3.59 0.99
CA GLU B 256 -22.27 3.67 0.39
C GLU B 256 -22.21 4.05 -1.09
N HIS B 257 -21.30 4.95 -1.49
CA HIS B 257 -21.05 5.24 -2.90
C HIS B 257 -19.60 4.85 -3.21
N PHE B 258 -19.43 3.72 -3.90
CA PHE B 258 -18.10 3.13 -4.16
C PHE B 258 -17.73 3.31 -5.64
CL CL C . 12.26 8.73 -2.66
CL CL D . -5.60 -10.56 7.66
#